data_3WQA
#
_entry.id   3WQA
#
_cell.length_a   86.110
_cell.length_b   43.680
_cell.length_c   95.564
_cell.angle_alpha   90.00
_cell.angle_beta   111.97
_cell.angle_gamma   90.00
#
_symmetry.space_group_name_H-M   'P 1 21 1'
#
loop_
_entity.id
_entity.type
_entity.pdbx_description
1 polymer 'Trimeric autotransporter adhesin'
2 non-polymer 'CHLORIDE ION'
3 non-polymer 'PHOSPHATE ION'
4 non-polymer 'NICKEL (II) ION'
5 water water
#
_entity_poly.entity_id   1
_entity_poly.type   'polypeptide(L)'
_entity_poly.pdbx_seq_one_letter_code
;MKQIEDKIEEILSKIYHIENEIARIKKLIDSAINNVNNNVNELANNAVKYDDASKDKITLGGGATGTTITNVKDGTVAQG
SKDAVNGGQLWNVQQQVDQNTTDISNIKNDINNGTVGLVQQAGKDAPVTVAKDTGGTTVNVAGTDGNRVVTGVKEGAVNA
TSKDAVNGSQMKQIEDKIEEILSKIYHIENEIARIKKLIKLHHHHHH
;
_entity_poly.pdbx_strand_id   A,B,C
#
# COMPACT_ATOMS: atom_id res chain seq x y z
N ILE A 4 -54.72 91.87 17.72
CA ILE A 4 -53.68 91.32 18.60
C ILE A 4 -54.18 90.11 19.40
N GLU A 5 -55.49 90.02 19.57
CA GLU A 5 -56.10 88.84 20.16
C GLU A 5 -55.82 87.68 19.22
N ASP A 6 -55.77 88.02 17.93
CA ASP A 6 -55.59 87.06 16.85
C ASP A 6 -54.12 86.66 16.71
N LYS A 7 -53.20 87.55 17.08
CA LYS A 7 -51.78 87.22 17.04
C LYS A 7 -51.46 86.18 18.10
N ILE A 8 -51.85 86.45 19.32
CA ILE A 8 -51.68 85.53 20.44
C ILE A 8 -52.41 84.20 20.18
N GLU A 9 -53.62 84.29 19.64
CA GLU A 9 -54.42 83.10 19.35
C GLU A 9 -53.67 82.20 18.37
N GLU A 10 -53.17 82.82 17.30
CA GLU A 10 -52.35 82.17 16.29
C GLU A 10 -51.18 81.42 16.91
N ILE A 11 -50.48 82.09 17.82
CA ILE A 11 -49.32 81.51 18.47
C ILE A 11 -49.65 80.22 19.24
N LEU A 12 -50.71 80.24 20.05
CA LEU A 12 -51.14 79.05 20.78
C LEU A 12 -51.49 77.88 19.85
N SER A 13 -52.01 78.21 18.66
CA SER A 13 -52.30 77.17 17.68
C SER A 13 -51.00 76.57 17.19
N LYS A 14 -50.05 77.43 16.86
CA LYS A 14 -48.77 76.97 16.36
C LYS A 14 -48.13 76.03 17.37
N ILE A 15 -48.12 76.46 18.62
CA ILE A 15 -47.52 75.68 19.70
C ILE A 15 -48.21 74.33 19.83
N TYR A 16 -49.53 74.37 19.74
CA TYR A 16 -50.38 73.20 19.79
C TYR A 16 -49.94 72.16 18.78
N HIS A 17 -49.68 72.61 17.56
CA HIS A 17 -49.31 71.71 16.49
C HIS A 17 -47.89 71.20 16.67
N ILE A 18 -47.04 72.05 17.24
CA ILE A 18 -45.66 71.67 17.46
C ILE A 18 -45.64 70.55 18.49
N GLU A 19 -46.45 70.69 19.52
CA GLU A 19 -46.50 69.64 20.53
C GLU A 19 -46.85 68.30 19.90
N ASN A 20 -47.93 68.30 19.13
CA ASN A 20 -48.32 67.13 18.35
C ASN A 20 -47.18 66.58 17.50
N GLU A 21 -46.48 67.46 16.78
CA GLU A 21 -45.40 67.01 15.91
C GLU A 21 -44.26 66.34 16.69
N ILE A 22 -43.97 66.88 17.87
CA ILE A 22 -42.89 66.33 18.66
C ILE A 22 -43.24 64.91 19.13
N ALA A 23 -44.49 64.71 19.51
CA ALA A 23 -44.88 63.37 19.94
C ALA A 23 -44.80 62.39 18.78
N ARG A 24 -45.18 62.86 17.60
CA ARG A 24 -45.17 62.07 16.38
C ARG A 24 -43.75 61.59 16.14
N ILE A 25 -42.83 62.55 16.04
CA ILE A 25 -41.41 62.30 15.83
C ILE A 25 -40.82 61.34 16.84
N LYS A 26 -41.22 61.49 18.10
CA LYS A 26 -40.64 60.65 19.15
C LYS A 26 -40.87 59.20 18.81
N LYS A 27 -42.12 58.83 18.51
CA LYS A 27 -42.38 57.43 18.23
C LYS A 27 -41.68 56.99 16.96
N LEU A 28 -41.56 57.90 16.00
CA LEU A 28 -40.95 57.60 14.72
C LEU A 28 -39.48 57.28 14.91
N ILE A 29 -38.84 58.03 15.81
CA ILE A 29 -37.42 57.87 16.06
C ILE A 29 -37.15 56.60 16.84
N ASP A 30 -37.94 56.39 17.88
CA ASP A 30 -37.89 55.16 18.65
C ASP A 30 -37.92 53.92 17.74
N SER A 31 -38.79 53.93 16.74
CA SER A 31 -38.95 52.74 15.91
C SER A 31 -37.96 52.64 14.73
N ALA A 32 -37.56 53.76 14.16
CA ALA A 32 -36.43 53.76 13.24
C ALA A 32 -35.17 53.14 13.88
N ILE A 33 -34.83 53.61 15.08
CA ILE A 33 -33.64 53.18 15.83
C ILE A 33 -33.70 51.70 16.19
N ASN A 34 -34.87 51.27 16.61
CA ASN A 34 -35.05 49.89 17.01
C ASN A 34 -35.02 48.94 15.79
N ASN A 35 -35.38 49.48 14.62
CA ASN A 35 -35.27 48.72 13.38
C ASN A 35 -33.83 48.45 13.03
N VAL A 36 -33.05 49.52 12.83
CA VAL A 36 -31.63 49.37 12.51
C VAL A 36 -30.93 48.44 13.50
N ASN A 37 -31.25 48.57 14.78
CA ASN A 37 -30.70 47.66 15.78
C ASN A 37 -30.99 46.18 15.55
N ASN A 38 -32.25 45.83 15.37
CA ASN A 38 -32.59 44.44 15.12
C ASN A 38 -31.89 43.86 13.90
N ASN A 39 -31.75 44.67 12.85
CA ASN A 39 -31.11 44.21 11.64
C ASN A 39 -29.61 44.04 11.80
N VAL A 40 -28.98 45.08 12.37
CA VAL A 40 -27.56 45.01 12.65
C VAL A 40 -27.30 43.83 13.57
N ASN A 41 -28.15 43.67 14.57
CA ASN A 41 -28.00 42.57 15.52
C ASN A 41 -28.02 41.17 14.89
N GLU A 42 -29.00 40.92 14.02
CA GLU A 42 -29.11 39.62 13.38
C GLU A 42 -27.93 39.35 12.44
N LEU A 43 -27.55 40.37 11.67
CA LEU A 43 -26.37 40.25 10.83
C LEU A 43 -25.17 39.84 11.68
N ALA A 44 -24.91 40.60 12.74
CA ALA A 44 -23.90 40.26 13.73
C ALA A 44 -24.06 38.85 14.29
N ASN A 45 -25.29 38.36 14.36
CA ASN A 45 -25.55 37.03 14.89
C ASN A 45 -25.42 35.91 13.85
N ASN A 46 -25.35 36.28 12.57
CA ASN A 46 -25.16 35.31 11.49
C ASN A 46 -23.86 35.44 10.72
N ALA A 47 -23.15 36.55 10.90
CA ALA A 47 -21.93 36.77 10.14
C ALA A 47 -20.76 35.90 10.62
N VAL A 48 -20.01 35.37 9.67
CA VAL A 48 -18.77 34.62 9.95
C VAL A 48 -17.59 35.58 10.19
N LYS A 49 -16.74 35.30 11.19
CA LYS A 49 -15.75 36.30 11.62
C LYS A 49 -14.32 35.85 11.84
N TYR A 50 -13.39 36.65 11.33
CA TYR A 50 -12.00 36.56 11.77
C TYR A 50 -11.92 36.64 13.29
N ASP A 51 -11.05 35.83 13.89
CA ASP A 51 -10.85 35.80 15.35
C ASP A 51 -10.47 37.19 15.86
N ASP A 52 -9.64 37.91 15.07
CA ASP A 52 -9.10 39.20 15.49
C ASP A 52 -8.51 39.99 14.32
N ALA A 53 -7.98 41.18 14.60
CA ALA A 53 -7.63 42.11 13.53
C ALA A 53 -6.56 41.59 12.56
N SER A 54 -5.76 40.61 12.99
CA SER A 54 -4.76 40.02 12.10
C SER A 54 -5.37 39.18 10.98
N LYS A 55 -6.55 38.61 11.25
CA LYS A 55 -7.29 37.77 10.31
C LYS A 55 -6.53 36.51 9.96
N ASP A 56 -5.62 36.07 10.82
CA ASP A 56 -4.85 34.89 10.50
C ASP A 56 -5.59 33.61 10.87
N LYS A 57 -6.67 33.75 11.64
CA LYS A 57 -7.49 32.58 11.98
C LYS A 57 -9.01 32.84 11.99
N ILE A 58 -9.77 31.86 11.48
CA ILE A 58 -11.22 31.87 11.68
C ILE A 58 -11.60 30.64 12.48
N THR A 59 -12.04 30.86 13.72
CA THR A 59 -12.45 29.72 14.55
C THR A 59 -13.97 29.56 14.49
N LEU A 60 -14.44 28.64 13.65
CA LEU A 60 -15.87 28.52 13.32
C LEU A 60 -16.79 28.42 14.53
N GLY A 61 -18.04 28.84 14.36
CA GLY A 61 -18.91 29.11 15.49
C GLY A 61 -19.93 28.08 15.95
N GLY A 62 -19.69 26.80 15.68
CA GLY A 62 -20.68 25.78 15.96
C GLY A 62 -20.55 25.08 17.30
N GLY A 63 -19.40 25.25 17.95
CA GLY A 63 -19.20 24.70 19.26
C GLY A 63 -18.50 23.36 19.23
N ALA A 64 -18.89 22.46 20.14
CA ALA A 64 -18.25 21.15 20.27
C ALA A 64 -18.31 20.36 18.96
N THR A 65 -19.51 20.11 18.46
CA THR A 65 -19.66 19.38 17.21
C THR A 65 -19.03 20.11 16.02
N GLY A 66 -18.78 21.41 16.17
CA GLY A 66 -18.17 22.20 15.12
C GLY A 66 -19.12 22.60 14.01
N THR A 67 -18.52 23.09 12.92
CA THR A 67 -19.29 23.60 11.80
C THR A 67 -18.86 22.99 10.49
N THR A 68 -19.86 22.60 9.69
CA THR A 68 -19.71 22.15 8.31
C THR A 68 -19.63 23.32 7.31
N ILE A 69 -18.74 23.21 6.34
CA ILE A 69 -18.75 24.17 5.24
C ILE A 69 -19.07 23.41 4.00
N THR A 70 -20.17 23.72 3.36
CA THR A 70 -20.49 22.96 2.18
C THR A 70 -20.55 23.90 1.00
N ASN A 71 -20.73 23.33 -0.18
CA ASN A 71 -20.74 24.09 -1.43
C ASN A 71 -19.38 24.71 -1.73
N VAL A 72 -18.33 24.05 -1.26
CA VAL A 72 -16.96 24.39 -1.60
C VAL A 72 -16.57 23.83 -2.97
N LYS A 73 -16.25 24.71 -3.92
CA LYS A 73 -15.81 24.27 -5.25
CA LYS A 73 -15.82 24.26 -5.25
C LYS A 73 -14.48 23.55 -5.10
N ASP A 74 -14.26 22.52 -5.91
CA ASP A 74 -13.00 21.77 -5.88
C ASP A 74 -11.82 22.75 -6.00
N GLY A 75 -10.83 22.56 -5.12
CA GLY A 75 -9.66 23.41 -5.12
C GLY A 75 -8.62 22.83 -6.04
N THR A 76 -7.88 23.69 -6.75
CA THR A 76 -6.77 23.26 -7.56
C THR A 76 -5.83 22.45 -6.70
N VAL A 77 -5.59 21.20 -7.07
CA VAL A 77 -4.67 20.37 -6.33
C VAL A 77 -3.32 20.39 -7.04
N ALA A 78 -2.45 21.27 -6.60
CA ALA A 78 -1.14 21.40 -7.21
C ALA A 78 -0.17 21.77 -6.11
N GLN A 79 1.13 21.72 -6.43
CA GLN A 79 2.15 22.02 -5.44
C GLN A 79 1.96 23.40 -4.91
N GLY A 80 1.60 23.50 -3.63
CA GLY A 80 1.58 24.79 -2.96
C GLY A 80 0.28 25.56 -3.10
N SER A 81 -0.75 24.91 -3.66
CA SER A 81 -2.09 25.48 -3.77
C SER A 81 -2.62 25.92 -2.41
N LYS A 82 -3.19 27.12 -2.36
CA LYS A 82 -3.78 27.62 -1.14
C LYS A 82 -5.32 27.45 -1.09
N ASP A 83 -5.89 26.72 -2.04
CA ASP A 83 -7.34 26.50 -2.09
C ASP A 83 -7.79 25.33 -1.18
N ALA A 84 -8.88 25.54 -0.43
CA ALA A 84 -9.49 24.47 0.34
C ALA A 84 -9.98 23.33 -0.54
N VAL A 85 -9.78 22.13 -0.04
CA VAL A 85 -10.16 20.91 -0.76
C VAL A 85 -11.48 20.39 -0.19
N ASN A 86 -12.34 19.81 -1.03
CA ASN A 86 -13.57 19.21 -0.50
C ASN A 86 -13.52 17.68 -0.32
N GLY A 87 -14.59 17.12 0.20
CA GLY A 87 -14.69 15.68 0.43
C GLY A 87 -14.73 14.80 -0.80
N GLY A 88 -15.20 15.36 -1.90
CA GLY A 88 -15.20 14.67 -3.17
C GLY A 88 -13.80 14.56 -3.74
N GLN A 89 -12.94 15.53 -3.41
CA GLN A 89 -11.52 15.44 -3.74
C GLN A 89 -10.75 14.50 -2.80
N LEU A 90 -11.16 14.43 -1.53
CA LEU A 90 -10.50 13.52 -0.61
C LEU A 90 -10.92 12.10 -0.96
N TRP A 91 -12.13 11.96 -1.48
CA TRP A 91 -12.64 10.65 -1.83
C TRP A 91 -11.89 10.09 -3.05
N ASN A 92 -11.58 10.96 -4.01
CA ASN A 92 -10.79 10.55 -5.17
C ASN A 92 -9.48 9.85 -4.78
N VAL A 93 -8.82 10.38 -3.74
CA VAL A 93 -7.60 9.81 -3.19
C VAL A 93 -7.85 8.56 -2.37
N GLN A 94 -8.87 8.59 -1.51
CA GLN A 94 -9.22 7.43 -0.70
C GLN A 94 -9.48 6.17 -1.56
N GLN A 95 -9.91 6.35 -2.80
CA GLN A 95 -10.14 5.21 -3.69
C GLN A 95 -8.82 4.61 -4.16
N GLN A 96 -7.86 5.44 -4.54
CA GLN A 96 -6.58 4.96 -5.00
C GLN A 96 -5.81 4.31 -3.85
N VAL A 97 -5.83 4.95 -2.70
CA VAL A 97 -5.14 4.41 -1.54
C VAL A 97 -5.70 3.03 -1.20
N ASP A 98 -7.02 2.93 -1.14
CA ASP A 98 -7.69 1.67 -0.83
C ASP A 98 -7.38 0.60 -1.85
N GLN A 99 -7.06 1.02 -3.07
CA GLN A 99 -6.67 0.10 -4.12
C GLN A 99 -5.24 -0.37 -3.84
N ASN A 100 -4.33 0.58 -3.67
CA ASN A 100 -2.96 0.27 -3.25
C ASN A 100 -2.87 -0.67 -2.05
N THR A 101 -3.71 -0.44 -1.04
CA THR A 101 -3.73 -1.28 0.15
C THR A 101 -4.10 -2.71 -0.22
N THR A 102 -5.11 -2.84 -1.08
CA THR A 102 -5.58 -4.11 -1.63
C THR A 102 -4.55 -4.84 -2.50
N ASP A 103 -3.97 -4.12 -3.46
CA ASP A 103 -2.97 -4.72 -4.35
C ASP A 103 -1.77 -5.24 -3.54
N ILE A 104 -1.47 -4.58 -2.41
CA ILE A 104 -0.35 -4.96 -1.56
C ILE A 104 -0.69 -6.21 -0.74
N SER A 105 -1.91 -6.27 -0.23
CA SER A 105 -2.37 -7.44 0.48
C SER A 105 -2.46 -8.63 -0.45
N ASN A 106 -2.98 -8.39 -1.65
CA ASN A 106 -3.11 -9.44 -2.65
C ASN A 106 -1.77 -10.01 -3.12
N ILE A 107 -0.76 -9.16 -3.19
CA ILE A 107 0.60 -9.62 -3.49
C ILE A 107 1.11 -10.56 -2.38
N LYS A 108 1.03 -10.10 -1.13
CA LYS A 108 1.56 -10.86 0.00
C LYS A 108 0.84 -12.18 0.22
N ASN A 109 -0.47 -12.20 0.06
CA ASN A 109 -1.23 -13.43 0.19
C ASN A 109 -1.20 -14.25 -1.10
N ASP A 110 -0.38 -13.80 -2.06
CA ASP A 110 -0.13 -14.52 -3.30
C ASP A 110 1.30 -15.09 -3.32
N ILE A 111 2.18 -14.54 -2.50
CA ILE A 111 3.55 -15.02 -2.41
C ILE A 111 3.60 -16.06 -1.33
N ASN A 112 2.82 -15.85 -0.29
CA ASN A 112 2.78 -16.74 0.85
C ASN A 112 2.18 -18.09 0.46
N ASN A 113 1.06 -18.03 -0.25
CA ASN A 113 0.40 -19.23 -0.72
C ASN A 113 1.00 -19.73 -2.02
N GLY A 114 2.09 -19.07 -2.44
CA GLY A 114 2.84 -19.47 -3.62
C GLY A 114 2.03 -19.66 -4.89
N THR A 115 1.41 -18.58 -5.35
CA THR A 115 0.73 -18.59 -6.64
C THR A 115 1.33 -17.59 -7.62
N VAL A 116 2.35 -16.86 -7.17
CA VAL A 116 3.16 -15.98 -8.04
C VAL A 116 4.66 -16.31 -7.97
N GLY A 117 5.33 -16.17 -9.12
CA GLY A 117 6.76 -16.45 -9.19
C GLY A 117 7.09 -17.68 -10.02
N LEU A 118 8.39 -17.91 -10.21
CA LEU A 118 8.87 -19.07 -10.96
C LEU A 118 8.58 -20.36 -10.21
N VAL A 119 8.80 -20.34 -8.90
CA VAL A 119 8.55 -21.51 -8.06
C VAL A 119 7.15 -21.42 -7.44
N GLN A 120 6.30 -22.40 -7.69
CA GLN A 120 4.91 -22.29 -7.27
C GLN A 120 4.29 -23.57 -6.72
N GLN A 121 3.18 -23.43 -5.98
CA GLN A 121 2.48 -24.59 -5.43
C GLN A 121 1.00 -24.29 -5.12
N ALA A 122 0.09 -24.95 -5.84
CA ALA A 122 -1.36 -24.74 -5.68
C ALA A 122 -1.97 -25.56 -4.55
N GLY A 123 -1.87 -25.08 -3.32
CA GLY A 123 -2.38 -25.80 -2.17
C GLY A 123 -1.24 -26.46 -1.41
N LYS A 124 -1.44 -26.74 -0.13
CA LYS A 124 -0.35 -27.26 0.69
C LYS A 124 0.06 -28.69 0.36
N ASP A 125 -0.81 -29.47 -0.26
CA ASP A 125 -0.46 -30.85 -0.62
C ASP A 125 0.08 -30.97 -2.04
N ALA A 126 0.34 -29.83 -2.67
CA ALA A 126 0.56 -29.78 -4.12
C ALA A 126 2.03 -29.89 -4.60
N PRO A 127 2.24 -30.40 -5.82
CA PRO A 127 3.53 -30.40 -6.50
C PRO A 127 4.14 -29.03 -6.56
N VAL A 128 5.27 -28.82 -5.90
CA VAL A 128 6.01 -27.57 -6.03
C VAL A 128 6.67 -27.50 -7.40
N THR A 129 6.29 -26.51 -8.21
CA THR A 129 6.77 -26.39 -9.58
C THR A 129 7.69 -25.21 -9.79
N VAL A 130 8.76 -25.47 -10.55
CA VAL A 130 9.81 -24.49 -10.72
C VAL A 130 9.88 -24.01 -12.16
N ALA A 131 9.52 -22.75 -12.39
CA ALA A 131 9.61 -22.11 -13.69
C ALA A 131 8.91 -22.90 -14.79
N LYS A 132 7.68 -23.32 -14.54
CA LYS A 132 6.95 -24.15 -15.51
C LYS A 132 6.61 -23.40 -16.79
N ASP A 133 5.94 -22.25 -16.64
CA ASP A 133 5.39 -21.49 -17.77
C ASP A 133 6.48 -20.94 -18.69
N THR A 134 7.71 -21.04 -18.25
CA THR A 134 8.84 -20.62 -19.05
C THR A 134 9.59 -21.86 -19.58
N GLY A 135 10.51 -21.64 -20.51
CA GLY A 135 11.28 -22.74 -21.05
C GLY A 135 12.71 -22.72 -20.58
N GLY A 136 13.58 -23.41 -21.32
CA GLY A 136 14.97 -23.50 -20.95
C GLY A 136 15.27 -24.91 -20.49
N THR A 137 16.52 -25.32 -20.66
CA THR A 137 16.94 -26.69 -20.41
C THR A 137 17.60 -26.96 -19.05
N THR A 138 17.82 -25.91 -18.25
CA THR A 138 18.73 -26.01 -17.11
C THR A 138 18.23 -25.36 -15.81
N VAL A 139 18.40 -26.08 -14.70
CA VAL A 139 18.26 -25.50 -13.37
C VAL A 139 19.64 -25.54 -12.72
N ASN A 140 20.07 -24.44 -12.13
CA ASN A 140 21.42 -24.38 -11.54
C ASN A 140 21.46 -23.96 -10.06
N VAL A 141 21.83 -24.90 -9.18
CA VAL A 141 21.75 -24.70 -7.73
C VAL A 141 23.04 -24.21 -7.08
N ALA A 142 24.10 -24.05 -7.86
CA ALA A 142 25.37 -23.58 -7.33
C ALA A 142 25.23 -22.18 -6.77
N GLY A 143 26.19 -21.78 -5.94
CA GLY A 143 26.22 -20.44 -5.35
C GLY A 143 27.65 -19.94 -5.26
N THR A 144 27.90 -18.93 -4.44
CA THR A 144 29.24 -18.36 -4.34
C THR A 144 30.22 -19.13 -3.46
N ASP A 145 29.70 -19.97 -2.57
CA ASP A 145 30.55 -20.84 -1.77
C ASP A 145 30.96 -22.06 -2.61
N GLY A 146 30.35 -22.18 -3.79
CA GLY A 146 30.62 -23.30 -4.68
C GLY A 146 29.34 -24.07 -4.99
N ASN A 147 29.48 -25.35 -5.33
CA ASN A 147 28.31 -26.18 -5.60
C ASN A 147 27.56 -26.51 -4.34
N ARG A 148 26.30 -26.91 -4.50
CA ARG A 148 25.46 -27.25 -3.35
C ARG A 148 24.92 -28.68 -3.37
N VAL A 149 24.89 -29.29 -2.19
CA VAL A 149 24.24 -30.57 -2.00
C VAL A 149 22.73 -30.36 -2.05
N VAL A 150 22.01 -31.27 -2.70
CA VAL A 150 20.55 -31.22 -2.69
C VAL A 150 20.01 -32.29 -1.76
N THR A 151 19.58 -31.89 -0.58
CA THR A 151 19.12 -32.88 0.41
C THR A 151 17.59 -32.87 0.50
N GLY A 152 17.06 -33.67 1.41
CA GLY A 152 15.62 -33.78 1.57
C GLY A 152 14.96 -34.49 0.40
N VAL A 153 15.80 -35.06 -0.46
CA VAL A 153 15.34 -35.73 -1.65
C VAL A 153 14.89 -37.14 -1.36
N LYS A 154 13.58 -37.37 -1.40
CA LYS A 154 13.02 -38.71 -1.38
C LYS A 154 13.39 -39.43 -2.68
N GLU A 155 13.73 -40.71 -2.59
CA GLU A 155 14.17 -41.48 -3.74
C GLU A 155 13.08 -41.51 -4.82
N GLY A 156 13.53 -41.60 -6.07
CA GLY A 156 12.61 -41.57 -7.20
C GLY A 156 12.57 -42.90 -7.91
N ALA A 157 11.54 -43.09 -8.71
CA ALA A 157 11.33 -44.34 -9.44
C ALA A 157 12.54 -44.71 -10.30
N VAL A 158 12.91 -45.99 -10.26
CA VAL A 158 13.99 -46.50 -11.10
C VAL A 158 13.44 -47.36 -12.23
N ASN A 159 13.03 -46.71 -13.32
CA ASN A 159 12.62 -47.43 -14.53
C ASN A 159 13.15 -46.74 -15.79
N ALA A 160 12.74 -47.23 -16.96
CA ALA A 160 13.29 -46.76 -18.22
C ALA A 160 12.82 -45.37 -18.68
N THR A 161 11.75 -44.85 -18.08
CA THR A 161 11.22 -43.53 -18.47
C THR A 161 11.23 -42.52 -17.32
N SER A 162 11.83 -42.90 -16.19
CA SER A 162 11.87 -42.04 -15.01
C SER A 162 12.61 -40.73 -15.24
N LYS A 163 12.03 -39.64 -14.74
CA LYS A 163 12.72 -38.36 -14.72
C LYS A 163 13.01 -37.96 -13.28
N ASP A 164 12.57 -38.78 -12.33
CA ASP A 164 12.90 -38.57 -10.92
C ASP A 164 14.40 -38.57 -10.73
N ALA A 165 14.91 -37.74 -9.84
CA ALA A 165 16.32 -37.81 -9.49
C ALA A 165 16.57 -38.91 -8.46
N VAL A 166 17.78 -39.43 -8.40
CA VAL A 166 18.10 -40.47 -7.42
C VAL A 166 19.00 -39.99 -6.28
N ASN A 167 18.90 -40.69 -5.14
CA ASN A 167 19.62 -40.31 -3.94
C ASN A 167 20.71 -41.28 -3.49
N GLY A 168 21.40 -40.90 -2.41
CA GLY A 168 22.54 -41.64 -1.90
C GLY A 168 22.21 -43.02 -1.36
N SER A 169 20.98 -43.21 -0.90
CA SER A 169 20.56 -44.54 -0.47
C SER A 169 20.43 -45.43 -1.69
N GLN A 170 19.88 -44.89 -2.77
CA GLN A 170 19.71 -45.68 -4.00
C GLN A 170 21.08 -46.00 -4.60
N MET A 171 22.03 -45.11 -4.39
CA MET A 171 23.42 -45.37 -4.76
C MET A 171 24.09 -46.41 -3.88
N LYS A 172 23.82 -46.39 -2.58
CA LYS A 172 24.41 -47.34 -1.66
C LYS A 172 23.97 -48.75 -2.00
N GLN A 173 22.70 -48.88 -2.36
CA GLN A 173 22.13 -50.14 -2.77
C GLN A 173 22.90 -50.75 -3.92
N ILE A 174 23.17 -49.94 -4.94
CA ILE A 174 23.96 -50.36 -6.09
C ILE A 174 25.35 -50.80 -5.65
N GLU A 175 26.04 -49.90 -4.94
CA GLU A 175 27.35 -50.19 -4.35
C GLU A 175 27.42 -51.58 -3.68
N ASP A 176 26.36 -51.93 -2.94
CA ASP A 176 26.26 -53.21 -2.27
C ASP A 176 26.34 -54.37 -3.27
N LYS A 177 25.45 -54.37 -4.27
CA LYS A 177 25.46 -55.37 -5.35
C LYS A 177 26.85 -55.60 -5.95
N ILE A 178 27.48 -54.50 -6.37
CA ILE A 178 28.86 -54.52 -6.82
C ILE A 178 29.76 -55.30 -5.87
N GLU A 179 29.74 -54.98 -4.57
CA GLU A 179 30.59 -55.67 -3.58
C GLU A 179 30.18 -57.13 -3.40
N GLU A 180 28.89 -57.40 -3.50
CA GLU A 180 28.36 -58.74 -3.48
C GLU A 180 28.95 -59.54 -4.64
N ILE A 181 29.05 -58.89 -5.80
CA ILE A 181 29.48 -59.54 -7.04
C ILE A 181 31.00 -59.73 -7.09
N LEU A 182 31.74 -58.74 -6.60
CA LEU A 182 33.18 -58.85 -6.53
C LEU A 182 33.53 -60.04 -5.64
N SER A 183 32.75 -60.20 -4.58
CA SER A 183 32.87 -61.32 -3.67
C SER A 183 32.65 -62.65 -4.40
N LYS A 184 31.54 -62.78 -5.12
CA LYS A 184 31.26 -63.99 -5.90
C LYS A 184 32.38 -64.28 -6.89
N ILE A 185 32.87 -63.24 -7.55
CA ILE A 185 33.95 -63.38 -8.52
C ILE A 185 35.23 -63.88 -7.86
N TYR A 186 35.52 -63.36 -6.66
CA TYR A 186 36.69 -63.79 -5.91
C TYR A 186 36.58 -65.27 -5.59
N HIS A 187 35.36 -65.68 -5.24
CA HIS A 187 35.07 -67.08 -4.98
C HIS A 187 35.32 -67.88 -6.25
N ILE A 188 34.91 -67.31 -7.37
CA ILE A 188 35.06 -67.99 -8.65
C ILE A 188 36.54 -68.23 -8.98
N GLU A 189 37.38 -67.21 -8.78
N GLU A 189 37.36 -67.21 -8.77
CA GLU A 189 38.81 -67.37 -9.04
CA GLU A 189 38.80 -67.31 -9.00
C GLU A 189 39.47 -68.39 -8.10
C GLU A 189 39.43 -68.39 -8.11
N ASN A 190 38.99 -68.47 -6.86
CA ASN A 190 39.41 -69.52 -5.94
C ASN A 190 39.06 -70.88 -6.51
N GLU A 191 37.82 -70.97 -6.97
CA GLU A 191 37.26 -72.17 -7.53
C GLU A 191 38.07 -72.58 -8.77
N ILE A 192 38.57 -71.58 -9.48
CA ILE A 192 39.43 -71.83 -10.63
C ILE A 192 40.80 -72.41 -10.24
N ALA A 193 41.43 -71.80 -9.24
CA ALA A 193 42.69 -72.28 -8.69
C ALA A 193 42.58 -73.72 -8.23
N ARG A 194 41.44 -74.06 -7.63
N ARG A 194 41.45 -74.06 -7.65
CA ARG A 194 41.18 -75.42 -7.19
CA ARG A 194 41.23 -75.42 -7.19
C ARG A 194 41.21 -76.39 -8.36
C ARG A 194 41.19 -76.41 -8.35
N ILE A 195 40.43 -76.10 -9.39
CA ILE A 195 40.39 -76.95 -10.60
C ILE A 195 41.78 -77.19 -11.19
N LYS A 196 42.63 -76.17 -11.11
CA LYS A 196 44.05 -76.32 -11.47
C LYS A 196 44.74 -77.46 -10.70
N LYS A 197 44.74 -77.39 -9.37
CA LYS A 197 45.44 -78.39 -8.56
C LYS A 197 44.86 -79.78 -8.74
N LEU A 198 43.57 -79.85 -9.05
CA LEU A 198 42.91 -81.14 -9.10
C LEU A 198 43.29 -81.86 -10.39
N ILE A 199 43.40 -81.09 -11.46
CA ILE A 199 43.86 -81.63 -12.74
C ILE A 199 45.36 -81.97 -12.68
N LYS A 200 46.10 -81.27 -11.83
CA LYS A 200 47.51 -81.63 -11.59
C LYS A 200 47.65 -82.94 -10.81
N LEU A 201 47.11 -82.94 -9.59
CA LEU A 201 47.45 -83.95 -8.60
C LEU A 201 46.75 -85.32 -8.70
N HIS A 202 45.74 -85.45 -9.54
CA HIS A 202 45.00 -86.72 -9.61
C HIS A 202 45.70 -87.81 -10.43
N HIS A 203 45.39 -89.07 -10.12
CA HIS A 203 45.99 -90.23 -10.79
C HIS A 203 44.96 -91.30 -11.13
N HIS A 204 45.29 -92.16 -12.08
CA HIS A 204 44.47 -93.33 -12.43
C HIS A 204 45.23 -94.29 -13.34
N ILE B 4 -44.43 95.50 24.19
CA ILE B 4 -45.03 94.18 24.20
C ILE B 4 -45.19 93.65 22.78
N GLU B 5 -45.31 94.56 21.83
CA GLU B 5 -45.37 94.23 20.40
C GLU B 5 -44.00 93.68 20.01
N ASP B 6 -42.95 94.21 20.65
CA ASP B 6 -41.60 93.67 20.54
C ASP B 6 -41.58 92.23 21.07
N LYS B 7 -42.31 91.99 22.16
CA LYS B 7 -42.36 90.67 22.79
CA LYS B 7 -42.36 90.67 22.79
C LYS B 7 -43.05 89.65 21.89
N ILE B 8 -44.12 90.08 21.22
CA ILE B 8 -44.84 89.20 20.31
C ILE B 8 -43.94 88.72 19.17
N GLU B 9 -43.33 89.65 18.45
CA GLU B 9 -42.49 89.27 17.32
C GLU B 9 -41.31 88.43 17.77
N GLU B 10 -40.78 88.75 18.96
CA GLU B 10 -39.77 87.94 19.62
C GLU B 10 -40.23 86.49 19.85
N ILE B 11 -41.51 86.31 20.14
CA ILE B 11 -42.06 84.96 20.32
C ILE B 11 -42.38 84.30 18.98
N LEU B 12 -42.96 85.07 18.06
CA LEU B 12 -43.15 84.61 16.69
C LEU B 12 -41.84 84.07 16.14
N SER B 13 -40.76 84.82 16.41
CA SER B 13 -39.43 84.42 15.98
C SER B 13 -38.95 83.10 16.58
N LYS B 14 -39.00 82.96 17.89
CA LYS B 14 -38.52 81.73 18.50
C LYS B 14 -39.35 80.52 18.03
N ILE B 15 -40.60 80.76 17.69
CA ILE B 15 -41.46 79.67 17.22
C ILE B 15 -41.06 79.25 15.82
N TYR B 16 -40.66 80.23 15.02
CA TYR B 16 -40.18 79.98 13.67
C TYR B 16 -38.89 79.16 13.70
N HIS B 17 -38.09 79.37 14.74
CA HIS B 17 -36.82 78.63 14.88
C HIS B 17 -37.04 77.21 15.36
N ILE B 18 -37.95 77.04 16.33
CA ILE B 18 -38.36 75.73 16.78
C ILE B 18 -38.85 74.91 15.56
N GLU B 19 -39.59 75.56 14.67
CA GLU B 19 -40.13 74.86 13.49
C GLU B 19 -39.01 74.48 12.51
N ASN B 20 -38.06 75.39 12.30
CA ASN B 20 -36.88 75.07 11.51
C ASN B 20 -36.05 73.94 12.13
N GLU B 21 -36.18 73.76 13.44
CA GLU B 21 -35.33 72.83 14.14
C GLU B 21 -35.91 71.43 14.18
N ILE B 22 -37.23 71.36 14.31
CA ILE B 22 -37.93 70.10 14.12
C ILE B 22 -37.62 69.58 12.71
N ALA B 23 -37.59 70.50 11.74
CA ALA B 23 -37.26 70.15 10.35
C ALA B 23 -35.87 69.53 10.29
N ARG B 24 -34.89 70.27 10.81
CA ARG B 24 -33.49 69.83 10.89
C ARG B 24 -33.38 68.45 11.50
N ILE B 25 -34.18 68.21 12.54
CA ILE B 25 -34.18 66.92 13.20
C ILE B 25 -34.74 65.81 12.31
N LYS B 26 -35.85 66.09 11.62
CA LYS B 26 -36.36 65.16 10.62
C LYS B 26 -35.33 64.90 9.51
N LYS B 27 -34.56 65.92 9.14
CA LYS B 27 -33.47 65.66 8.18
C LYS B 27 -32.37 64.79 8.79
N LEU B 28 -32.05 65.06 10.06
CA LEU B 28 -30.94 64.40 10.75
C LEU B 28 -31.19 62.90 10.74
N ILE B 29 -32.34 62.52 11.28
CA ILE B 29 -32.67 61.14 11.48
C ILE B 29 -32.75 60.37 10.17
N ASP B 30 -33.37 60.95 9.16
CA ASP B 30 -33.44 60.28 7.87
C ASP B 30 -32.04 59.99 7.30
N SER B 31 -31.14 60.96 7.30
CA SER B 31 -29.83 60.71 6.70
C SER B 31 -28.94 59.83 7.59
N ALA B 32 -29.13 59.89 8.90
CA ALA B 32 -28.35 59.04 9.77
C ALA B 32 -28.80 57.59 9.59
N ILE B 33 -30.09 57.39 9.42
CA ILE B 33 -30.67 56.05 9.35
C ILE B 33 -30.40 55.40 8.01
N ASN B 34 -30.57 56.19 6.96
CA ASN B 34 -30.24 55.71 5.64
C ASN B 34 -28.77 55.32 5.58
N ASN B 35 -27.94 56.05 6.30
CA ASN B 35 -26.52 55.78 6.27
C ASN B 35 -26.18 54.41 6.88
N VAL B 36 -26.77 54.09 8.02
CA VAL B 36 -26.55 52.75 8.57
C VAL B 36 -27.15 51.69 7.62
N ASN B 37 -28.31 51.98 7.06
CA ASN B 37 -28.99 51.07 6.13
C ASN B 37 -28.13 50.66 4.94
N ASN B 38 -27.48 51.61 4.30
CA ASN B 38 -26.64 51.26 3.18
C ASN B 38 -25.46 50.43 3.65
N ASN B 39 -24.82 50.90 4.72
CA ASN B 39 -23.64 50.21 5.26
C ASN B 39 -23.97 48.79 5.70
N VAL B 40 -25.20 48.57 6.17
CA VAL B 40 -25.62 47.24 6.52
C VAL B 40 -25.94 46.36 5.30
N ASN B 41 -26.77 46.88 4.39
CA ASN B 41 -27.15 46.12 3.19
C ASN B 41 -25.91 45.68 2.41
N GLU B 42 -24.86 46.49 2.46
CA GLU B 42 -23.62 46.15 1.78
C GLU B 42 -22.96 45.00 2.53
N LEU B 43 -22.85 45.13 3.84
CA LEU B 43 -22.37 44.02 4.66
C LEU B 43 -23.19 42.75 4.38
N ALA B 44 -24.51 42.89 4.43
CA ALA B 44 -25.45 41.81 4.12
C ALA B 44 -25.14 41.06 2.83
N ASN B 45 -24.93 41.79 1.75
CA ASN B 45 -24.68 41.15 0.46
C ASN B 45 -23.29 40.54 0.27
N ASN B 46 -22.26 40.99 1.00
CA ASN B 46 -20.95 40.35 0.84
C ASN B 46 -20.36 39.57 2.04
N ALA B 47 -20.96 39.69 3.21
CA ALA B 47 -20.52 38.84 4.33
C ALA B 47 -20.84 37.39 4.02
N VAL B 48 -19.98 36.48 4.50
CA VAL B 48 -20.25 35.06 4.40
C VAL B 48 -21.09 34.64 5.62
N LYS B 49 -22.12 33.82 5.39
CA LYS B 49 -23.10 33.60 6.46
C LYS B 49 -23.26 32.19 6.99
N TYR B 50 -23.51 32.10 8.29
CA TYR B 50 -23.99 30.88 8.89
C TYR B 50 -25.42 30.65 8.40
N ASP B 51 -25.78 29.38 8.19
CA ASP B 51 -27.13 29.03 7.75
C ASP B 51 -28.22 29.33 8.80
N ASP B 52 -27.98 28.97 10.08
CA ASP B 52 -28.86 29.35 11.17
C ASP B 52 -28.15 29.63 12.49
N ALA B 53 -28.89 29.57 13.58
CA ALA B 53 -28.38 30.04 14.87
C ALA B 53 -27.47 29.05 15.58
N SER B 54 -27.61 27.78 15.24
CA SER B 54 -26.72 26.75 15.75
C SER B 54 -25.30 26.97 15.24
N LYS B 55 -25.21 27.54 14.03
CA LYS B 55 -23.94 27.76 13.35
C LYS B 55 -23.29 26.42 12.96
N ASP B 56 -24.14 25.41 12.79
CA ASP B 56 -23.74 24.06 12.43
C ASP B 56 -23.26 23.95 10.97
N LYS B 57 -23.71 24.88 10.13
CA LYS B 57 -23.43 24.82 8.70
C LYS B 57 -23.31 26.19 8.00
N ILE B 58 -22.28 26.30 7.18
CA ILE B 58 -22.15 27.40 6.25
C ILE B 58 -22.29 26.82 4.88
N THR B 59 -23.37 27.17 4.21
CA THR B 59 -23.57 26.75 2.84
C THR B 59 -23.17 27.98 2.00
N LEU B 60 -22.03 27.90 1.35
CA LEU B 60 -21.50 29.07 0.64
C LEU B 60 -22.47 29.53 -0.43
N GLY B 61 -22.47 30.83 -0.72
CA GLY B 61 -23.44 31.40 -1.63
C GLY B 61 -23.10 31.36 -3.10
N GLY B 62 -22.09 30.60 -3.50
CA GLY B 62 -21.64 30.59 -4.88
C GLY B 62 -22.65 30.03 -5.87
N GLY B 63 -23.75 29.47 -5.37
CA GLY B 63 -24.74 28.87 -6.24
C GLY B 63 -24.33 27.46 -6.62
N ALA B 64 -24.96 26.92 -7.65
CA ALA B 64 -24.82 25.51 -8.01
C ALA B 64 -23.38 25.03 -8.27
N THR B 65 -22.55 25.87 -8.90
CA THR B 65 -21.15 25.54 -9.20
C THR B 65 -20.19 25.74 -8.01
N GLY B 66 -20.57 26.60 -7.07
CA GLY B 66 -19.87 26.68 -5.80
C GLY B 66 -18.92 27.85 -5.60
N THR B 67 -18.36 27.89 -4.39
CA THR B 67 -17.38 28.88 -4.00
C THR B 67 -16.03 28.26 -3.73
N THR B 68 -14.99 28.81 -4.36
CA THR B 68 -13.59 28.52 -4.06
C THR B 68 -13.14 29.29 -2.82
N ILE B 69 -12.54 28.61 -1.86
CA ILE B 69 -11.96 29.26 -0.70
C ILE B 69 -10.46 29.32 -0.88
N THR B 70 -9.91 30.52 -0.99
CA THR B 70 -8.46 30.63 -1.21
C THR B 70 -7.71 31.48 -0.18
N ASN B 71 -6.39 31.27 -0.13
CA ASN B 71 -5.49 31.83 0.87
C ASN B 71 -5.60 31.09 2.19
N VAL B 72 -5.73 29.78 2.09
CA VAL B 72 -5.87 28.93 3.25
C VAL B 72 -4.49 28.50 3.68
N LYS B 73 -4.17 28.73 4.95
CA LYS B 73 -2.88 28.34 5.49
C LYS B 73 -2.93 26.86 5.79
N ASP B 74 -1.84 26.15 5.52
CA ASP B 74 -1.74 24.72 5.83
C ASP B 74 -2.32 24.41 7.21
N GLY B 75 -3.28 23.52 7.27
CA GLY B 75 -3.83 23.12 8.55
C GLY B 75 -2.98 22.05 9.22
N THR B 76 -3.08 21.98 10.54
CA THR B 76 -2.37 20.94 11.28
C THR B 76 -2.89 19.56 10.85
N VAL B 77 -1.96 18.66 10.55
CA VAL B 77 -2.31 17.29 10.17
C VAL B 77 -1.96 16.37 11.33
N ALA B 78 -2.99 15.86 11.99
CA ALA B 78 -2.81 15.13 13.21
C ALA B 78 -4.19 14.63 13.54
N GLN B 79 -4.24 13.54 14.30
CA GLN B 79 -5.50 12.90 14.59
C GLN B 79 -6.39 13.86 15.36
N GLY B 80 -7.63 13.99 14.88
CA GLY B 80 -8.62 14.83 15.51
C GLY B 80 -8.55 16.29 15.11
N SER B 81 -7.61 16.65 14.23
CA SER B 81 -7.45 18.04 13.79
C SER B 81 -8.68 18.54 13.03
N LYS B 82 -9.11 19.75 13.38
CA LYS B 82 -10.31 20.36 12.78
C LYS B 82 -9.93 21.53 11.90
N ASP B 83 -8.65 21.63 11.55
CA ASP B 83 -8.16 22.68 10.67
C ASP B 83 -8.51 22.35 9.23
N ALA B 84 -8.99 23.32 8.47
CA ALA B 84 -9.16 23.11 7.03
C ALA B 84 -7.78 22.88 6.40
N VAL B 85 -7.77 22.16 5.27
CA VAL B 85 -6.54 21.79 4.57
C VAL B 85 -6.64 22.15 3.10
N ASN B 86 -5.52 22.42 2.47
CA ASN B 86 -5.56 23.01 1.14
C ASN B 86 -5.04 22.10 0.05
N GLY B 87 -5.12 22.58 -1.21
CA GLY B 87 -4.75 21.79 -2.37
C GLY B 87 -3.31 21.34 -2.34
N GLY B 88 -2.42 22.22 -1.89
CA GLY B 88 -1.00 21.89 -1.87
C GLY B 88 -0.81 20.64 -1.04
N GLN B 89 -1.54 20.59 0.08
CA GLN B 89 -1.49 19.47 1.01
C GLN B 89 -2.00 18.17 0.43
N LEU B 90 -3.04 18.25 -0.40
CA LEU B 90 -3.62 17.05 -0.97
C LEU B 90 -2.64 16.60 -2.02
N TRP B 91 -2.08 17.57 -2.73
CA TRP B 91 -1.05 17.32 -3.72
C TRP B 91 0.09 16.44 -3.17
N ASN B 92 0.67 16.83 -2.04
CA ASN B 92 1.74 16.05 -1.40
C ASN B 92 1.33 14.61 -1.17
N VAL B 93 0.16 14.40 -0.57
CA VAL B 93 -0.34 13.06 -0.36
C VAL B 93 -0.55 12.32 -1.70
N GLN B 94 -1.14 13.03 -2.66
CA GLN B 94 -1.30 12.50 -4.01
C GLN B 94 0.02 12.05 -4.63
N GLN B 95 1.09 12.79 -4.40
CA GLN B 95 2.38 12.38 -4.96
C GLN B 95 2.82 11.02 -4.41
N GLN B 96 2.66 10.82 -3.10
CA GLN B 96 3.03 9.58 -2.43
C GLN B 96 2.23 8.43 -2.96
N VAL B 97 0.92 8.62 -3.04
CA VAL B 97 0.03 7.59 -3.58
C VAL B 97 0.46 7.15 -4.98
N ASP B 98 0.80 8.13 -5.80
CA ASP B 98 1.24 7.83 -7.16
C ASP B 98 2.50 6.97 -7.16
N GLN B 99 3.45 7.31 -6.29
CA GLN B 99 4.70 6.54 -6.18
C GLN B 99 4.46 5.09 -5.72
N ASN B 100 3.64 4.95 -4.68
CA ASN B 100 3.17 3.63 -4.27
C ASN B 100 2.50 2.85 -5.41
N THR B 101 1.66 3.53 -6.20
CA THR B 101 0.95 2.87 -7.29
C THR B 101 1.93 2.27 -8.28
N THR B 102 2.93 3.05 -8.66
CA THR B 102 3.90 2.61 -9.63
C THR B 102 4.76 1.46 -9.08
N ASP B 103 5.22 1.60 -7.84
CA ASP B 103 6.08 0.59 -7.21
C ASP B 103 5.38 -0.75 -6.99
N ILE B 104 4.08 -0.72 -6.65
CA ILE B 104 3.28 -1.92 -6.58
C ILE B 104 3.28 -2.65 -7.93
N SER B 105 2.98 -1.91 -9.00
CA SER B 105 2.90 -2.51 -10.32
C SER B 105 4.28 -2.96 -10.83
N ASN B 106 5.32 -2.25 -10.43
CA ASN B 106 6.65 -2.61 -10.88
C ASN B 106 7.10 -3.89 -10.21
N ILE B 107 6.60 -4.11 -9.00
CA ILE B 107 6.98 -5.27 -8.21
C ILE B 107 6.31 -6.52 -8.75
N LYS B 108 5.00 -6.45 -8.96
CA LYS B 108 4.28 -7.55 -9.58
C LYS B 108 4.95 -7.98 -10.90
N ASN B 109 5.27 -7.02 -11.76
CA ASN B 109 5.92 -7.32 -13.02
C ASN B 109 7.27 -8.00 -12.88
N ASP B 110 7.99 -7.68 -11.81
CA ASP B 110 9.31 -8.28 -11.60
C ASP B 110 9.24 -9.73 -11.09
N ILE B 111 8.26 -10.00 -10.24
CA ILE B 111 7.94 -11.38 -9.84
C ILE B 111 7.62 -12.24 -11.07
N ASN B 112 6.63 -11.82 -11.86
CA ASN B 112 6.21 -12.57 -13.06
C ASN B 112 7.24 -12.57 -14.19
N ASN B 113 8.46 -12.13 -13.90
CA ASN B 113 9.52 -12.11 -14.91
C ASN B 113 10.76 -12.89 -14.46
N GLY B 114 10.79 -13.27 -13.19
CA GLY B 114 11.91 -13.99 -12.62
C GLY B 114 13.18 -13.19 -12.40
N THR B 115 13.08 -11.99 -11.84
CA THR B 115 14.26 -11.14 -11.70
C THR B 115 14.54 -10.59 -10.29
N VAL B 116 13.72 -10.96 -9.32
CA VAL B 116 14.05 -10.67 -7.93
C VAL B 116 13.95 -11.91 -7.06
N GLY B 117 14.81 -12.00 -6.06
CA GLY B 117 14.81 -13.15 -5.19
C GLY B 117 15.95 -14.12 -5.48
N LEU B 118 15.80 -15.34 -4.98
CA LEU B 118 16.88 -16.31 -5.06
C LEU B 118 16.71 -17.21 -6.28
N VAL B 119 15.48 -17.31 -6.76
CA VAL B 119 15.23 -18.11 -7.93
C VAL B 119 14.93 -17.18 -9.08
N GLN B 120 15.84 -17.13 -10.04
CA GLN B 120 15.73 -16.16 -11.14
C GLN B 120 15.96 -16.78 -12.52
N GLN B 121 15.69 -16.00 -13.55
CA GLN B 121 15.83 -16.44 -14.94
C GLN B 121 15.79 -15.24 -15.90
N ALA B 122 16.97 -14.73 -16.24
CA ALA B 122 17.09 -13.52 -17.07
C ALA B 122 16.87 -13.81 -18.54
N GLY B 123 15.64 -14.22 -18.88
CA GLY B 123 15.30 -14.59 -20.25
C GLY B 123 14.35 -15.77 -20.31
N LYS B 124 13.45 -15.75 -21.29
CA LYS B 124 12.42 -16.77 -21.44
C LYS B 124 12.96 -18.20 -21.59
N ASP B 125 14.01 -18.37 -22.39
CA ASP B 125 14.61 -19.69 -22.58
C ASP B 125 16.01 -19.74 -21.96
N ALA B 126 16.09 -19.53 -20.65
CA ALA B 126 17.35 -19.28 -19.95
C ALA B 126 17.63 -20.28 -18.80
N PRO B 127 18.86 -20.23 -18.24
CA PRO B 127 19.20 -20.94 -17.00
C PRO B 127 18.44 -20.44 -15.79
N VAL B 128 17.51 -21.23 -15.24
CA VAL B 128 16.86 -20.91 -13.95
C VAL B 128 17.86 -21.05 -12.79
N THR B 129 18.22 -19.94 -12.15
CA THR B 129 19.27 -19.97 -11.12
C THR B 129 18.78 -19.86 -9.67
N VAL B 130 19.34 -20.68 -8.80
CA VAL B 130 18.92 -20.71 -7.41
C VAL B 130 19.99 -20.14 -6.45
N ALA B 131 19.72 -18.96 -5.91
CA ALA B 131 20.56 -18.32 -4.92
C ALA B 131 21.98 -18.09 -5.38
N LYS B 132 22.11 -17.77 -6.68
CA LYS B 132 23.42 -17.59 -7.29
C LYS B 132 24.33 -16.58 -6.56
N ASP B 133 23.73 -15.52 -6.04
CA ASP B 133 24.47 -14.36 -5.54
C ASP B 133 24.93 -14.51 -4.09
N THR B 134 24.25 -15.37 -3.35
CA THR B 134 24.59 -15.64 -1.97
C THR B 134 25.44 -16.92 -1.89
N GLY B 135 25.47 -17.57 -0.72
CA GLY B 135 26.33 -18.72 -0.56
C GLY B 135 25.72 -19.90 0.18
N GLY B 136 26.57 -20.77 0.72
CA GLY B 136 26.11 -21.98 1.39
C GLY B 136 26.60 -23.26 0.72
N THR B 137 26.08 -24.40 1.14
CA THR B 137 26.34 -25.67 0.47
C THR B 137 25.10 -26.56 0.47
N THR B 138 23.95 -25.98 0.78
CA THR B 138 22.74 -26.79 0.98
C THR B 138 21.50 -26.30 0.26
N VAL B 139 20.94 -27.18 -0.57
CA VAL B 139 19.57 -27.05 -1.03
C VAL B 139 18.78 -28.20 -0.43
N ASN B 140 17.63 -27.86 0.15
CA ASN B 140 16.83 -28.81 0.91
C ASN B 140 15.38 -28.65 0.47
N VAL B 141 14.80 -29.76 0.00
CA VAL B 141 13.46 -29.74 -0.60
C VAL B 141 12.40 -30.45 0.24
N ALA B 142 12.68 -30.62 1.53
CA ALA B 142 11.79 -31.35 2.43
C ALA B 142 10.72 -30.47 3.09
N GLY B 143 9.46 -30.83 2.87
CA GLY B 143 8.36 -30.09 3.48
C GLY B 143 7.94 -30.63 4.84
N THR B 144 6.64 -30.55 5.13
CA THR B 144 6.06 -31.09 6.36
C THR B 144 5.60 -32.55 6.18
N ASP B 145 5.36 -32.95 4.94
CA ASP B 145 5.00 -34.34 4.62
C ASP B 145 6.27 -35.23 4.49
N GLY B 146 7.40 -34.77 5.02
CA GLY B 146 8.66 -35.48 4.91
C GLY B 146 9.49 -35.06 3.70
N ASN B 147 10.31 -35.97 3.18
CA ASN B 147 11.13 -35.68 2.00
C ASN B 147 10.36 -35.67 0.67
N ARG B 148 11.06 -35.28 -0.40
CA ARG B 148 10.41 -35.04 -1.70
C ARG B 148 11.16 -35.64 -2.89
N VAL B 149 10.40 -36.15 -3.87
CA VAL B 149 10.93 -36.71 -5.11
C VAL B 149 11.10 -35.67 -6.23
N VAL B 150 12.34 -35.19 -6.43
CA VAL B 150 12.64 -34.17 -7.44
C VAL B 150 12.54 -34.70 -8.85
N THR B 151 11.55 -34.23 -9.58
CA THR B 151 11.25 -34.81 -10.88
C THR B 151 11.20 -33.76 -12.00
N GLY B 152 11.08 -34.23 -13.23
CA GLY B 152 11.22 -33.34 -14.38
C GLY B 152 12.69 -33.11 -14.70
N VAL B 153 13.55 -33.99 -14.17
CA VAL B 153 14.99 -33.89 -14.31
C VAL B 153 15.46 -34.59 -15.57
N LYS B 154 16.05 -33.84 -16.50
CA LYS B 154 16.57 -34.45 -17.72
C LYS B 154 17.87 -35.16 -17.40
N GLU B 155 18.22 -36.16 -18.22
N GLU B 155 18.23 -36.15 -18.22
CA GLU B 155 19.42 -36.97 -18.04
CA GLU B 155 19.42 -36.96 -17.99
C GLU B 155 20.70 -36.13 -17.91
C GLU B 155 20.70 -36.13 -17.89
N GLY B 156 21.30 -36.16 -16.72
CA GLY B 156 22.53 -35.44 -16.47
C GLY B 156 23.72 -36.05 -17.21
N ALA B 157 24.82 -35.32 -17.24
CA ALA B 157 26.00 -35.81 -17.93
C ALA B 157 26.78 -36.71 -17.00
N VAL B 158 27.46 -37.70 -17.55
CA VAL B 158 28.21 -38.65 -16.73
C VAL B 158 29.70 -38.64 -17.06
N ASN B 159 30.48 -38.01 -16.17
CA ASN B 159 31.92 -37.94 -16.31
C ASN B 159 32.51 -37.57 -14.96
N ALA B 160 33.83 -37.64 -14.82
CA ALA B 160 34.46 -37.49 -13.50
C ALA B 160 34.51 -36.06 -12.99
N THR B 161 33.85 -35.13 -13.69
CA THR B 161 33.82 -33.73 -13.29
C THR B 161 32.40 -33.16 -13.33
N SER B 162 31.48 -33.95 -13.85
CA SER B 162 30.07 -33.56 -13.96
C SER B 162 29.48 -33.22 -12.61
N LYS B 163 28.64 -32.19 -12.57
CA LYS B 163 27.97 -31.82 -11.34
C LYS B 163 26.47 -31.78 -11.60
N ASP B 164 26.02 -32.64 -12.52
CA ASP B 164 24.63 -32.73 -12.90
C ASP B 164 23.97 -33.86 -12.12
N ALA B 165 22.73 -33.65 -11.69
CA ALA B 165 21.97 -34.68 -11.01
C ALA B 165 21.52 -35.73 -12.00
N VAL B 166 21.56 -37.00 -11.60
CA VAL B 166 21.15 -38.09 -12.48
C VAL B 166 19.73 -38.57 -12.18
N ASN B 167 18.98 -38.92 -13.22
CA ASN B 167 17.60 -39.36 -13.03
C ASN B 167 17.42 -40.88 -13.00
N GLY B 168 16.22 -41.32 -12.63
CA GLY B 168 15.91 -42.74 -12.45
C GLY B 168 16.11 -43.60 -13.69
N SER B 169 16.00 -42.99 -14.87
CA SER B 169 16.16 -43.75 -16.12
C SER B 169 17.61 -44.13 -16.33
N GLN B 170 18.51 -43.31 -15.81
CA GLN B 170 19.93 -43.61 -15.90
C GLN B 170 20.34 -44.62 -14.82
N MET B 171 19.61 -44.63 -13.72
CA MET B 171 19.82 -45.65 -12.71
C MET B 171 19.51 -46.99 -13.33
N LYS B 172 18.39 -47.06 -14.05
CA LYS B 172 17.97 -48.25 -14.78
C LYS B 172 19.11 -48.89 -15.57
N GLN B 173 19.85 -48.09 -16.35
CA GLN B 173 21.00 -48.59 -17.08
C GLN B 173 21.99 -49.35 -16.18
N ILE B 174 22.33 -48.76 -15.05
CA ILE B 174 23.17 -49.42 -14.05
C ILE B 174 22.59 -50.76 -13.62
N GLU B 175 21.30 -50.80 -13.33
CA GLU B 175 20.64 -52.02 -12.87
C GLU B 175 20.33 -52.99 -14.01
N ASP B 176 20.63 -52.62 -15.24
CA ASP B 176 20.41 -53.55 -16.33
C ASP B 176 21.71 -54.22 -16.69
N LYS B 177 22.79 -53.44 -16.69
CA LYS B 177 24.12 -54.03 -16.77
C LYS B 177 24.30 -55.03 -15.63
N ILE B 178 23.98 -54.59 -14.41
CA ILE B 178 24.04 -55.44 -13.22
C ILE B 178 23.48 -56.85 -13.43
N GLU B 179 22.25 -56.94 -13.91
CA GLU B 179 21.63 -58.24 -14.18
C GLU B 179 22.46 -59.02 -15.19
N GLU B 180 22.83 -58.37 -16.29
CA GLU B 180 23.61 -59.00 -17.35
C GLU B 180 24.88 -59.60 -16.79
N ILE B 181 25.48 -58.92 -15.82
CA ILE B 181 26.61 -59.47 -15.13
C ILE B 181 26.23 -60.80 -14.47
N LEU B 182 25.13 -60.78 -13.71
CA LEU B 182 24.74 -61.96 -12.94
C LEU B 182 24.44 -63.12 -13.85
N SER B 183 23.84 -62.85 -15.00
CA SER B 183 23.51 -63.89 -15.94
C SER B 183 24.78 -64.57 -16.45
N LYS B 184 25.84 -63.80 -16.65
CA LYS B 184 27.12 -64.38 -17.02
C LYS B 184 27.68 -65.19 -15.86
N ILE B 185 27.61 -64.62 -14.66
CA ILE B 185 28.11 -65.32 -13.47
C ILE B 185 27.40 -66.66 -13.26
N TYR B 186 26.08 -66.68 -13.44
CA TYR B 186 25.31 -67.92 -13.37
C TYR B 186 25.81 -68.95 -14.37
N HIS B 187 25.90 -68.57 -15.64
CA HIS B 187 26.33 -69.53 -16.66
C HIS B 187 27.76 -69.95 -16.41
N ILE B 188 28.55 -69.03 -15.86
CA ILE B 188 29.92 -69.32 -15.48
C ILE B 188 30.01 -70.39 -14.39
N GLU B 189 29.20 -70.22 -13.34
CA GLU B 189 29.20 -71.17 -12.23
C GLU B 189 28.81 -72.56 -12.69
N ASN B 190 27.79 -72.63 -13.54
CA ASN B 190 27.37 -73.90 -14.09
C ASN B 190 28.49 -74.56 -14.89
N GLU B 191 29.29 -73.75 -15.55
CA GLU B 191 30.35 -74.31 -16.36
C GLU B 191 31.41 -74.89 -15.44
N ILE B 192 31.62 -74.22 -14.32
CA ILE B 192 32.56 -74.69 -13.34
C ILE B 192 32.14 -76.03 -12.73
N ALA B 193 30.86 -76.17 -12.39
CA ALA B 193 30.35 -77.45 -11.90
C ALA B 193 30.49 -78.51 -12.97
N ARG B 194 30.18 -78.15 -14.20
CA ARG B 194 30.30 -79.08 -15.31
C ARG B 194 31.75 -79.55 -15.45
N ILE B 195 32.69 -78.66 -15.14
CA ILE B 195 34.11 -78.99 -15.25
C ILE B 195 34.56 -79.94 -14.14
N LYS B 196 34.08 -79.70 -12.92
CA LYS B 196 34.35 -80.57 -11.79
C LYS B 196 33.78 -81.97 -11.97
N LYS B 197 32.58 -82.07 -12.53
CA LYS B 197 31.95 -83.37 -12.68
C LYS B 197 32.66 -84.09 -13.81
N LEU B 198 33.24 -83.29 -14.71
CA LEU B 198 33.99 -83.85 -15.81
C LEU B 198 35.26 -84.49 -15.28
N ILE B 199 35.97 -83.79 -14.40
CA ILE B 199 37.17 -84.33 -13.76
C ILE B 199 36.83 -85.58 -12.95
N LYS B 200 35.59 -85.63 -12.42
CA LYS B 200 35.11 -86.84 -11.76
C LYS B 200 35.15 -88.03 -12.72
N LEU B 201 34.24 -88.03 -13.70
CA LEU B 201 34.13 -89.16 -14.61
C LEU B 201 34.90 -88.98 -15.93
N HIS B 202 36.17 -89.36 -15.91
CA HIS B 202 36.94 -89.47 -17.14
C HIS B 202 37.95 -90.63 -17.07
N HIS B 203 37.70 -91.66 -17.87
CA HIS B 203 38.53 -92.86 -17.83
C HIS B 203 39.40 -92.95 -19.08
N HIS B 204 40.72 -92.77 -18.90
CA HIS B 204 41.67 -92.87 -20.00
C HIS B 204 41.85 -94.31 -20.47
N ILE C 4 -55.03 87.81 28.37
CA ILE C 4 -54.46 88.90 27.58
C ILE C 4 -53.03 89.19 28.03
N GLU C 5 -52.81 89.12 29.34
CA GLU C 5 -51.50 89.39 29.92
C GLU C 5 -50.88 88.09 30.40
N ASP C 6 -51.75 87.16 30.80
CA ASP C 6 -51.34 85.89 31.38
C ASP C 6 -50.93 84.93 30.27
N LYS C 7 -51.55 85.12 29.09
CA LYS C 7 -51.28 84.33 27.89
C LYS C 7 -49.80 84.28 27.52
N ILE C 8 -49.12 85.42 27.59
CA ILE C 8 -47.69 85.49 27.27
C ILE C 8 -46.88 84.54 28.16
N GLU C 9 -47.11 84.68 29.46
CA GLU C 9 -46.42 83.87 30.45
C GLU C 9 -46.62 82.39 30.18
N GLU C 10 -47.83 82.04 29.75
CA GLU C 10 -48.21 80.66 29.61
C GLU C 10 -47.58 80.07 28.36
N ILE C 11 -47.52 80.89 27.32
CA ILE C 11 -46.80 80.52 26.12
C ILE C 11 -45.32 80.22 26.40
N LEU C 12 -44.69 81.04 27.23
CA LEU C 12 -43.28 80.84 27.56
C LEU C 12 -42.95 79.54 28.30
N SER C 13 -43.80 79.13 29.23
CA SER C 13 -43.60 77.84 29.87
C SER C 13 -43.76 76.72 28.83
N LYS C 14 -44.73 76.88 27.92
CA LYS C 14 -44.92 75.91 26.84
C LYS C 14 -43.68 75.81 25.98
N ILE C 15 -43.05 76.95 25.74
CA ILE C 15 -41.84 76.98 24.93
C ILE C 15 -40.72 76.26 25.66
N TYR C 16 -40.69 76.46 26.98
CA TYR C 16 -39.61 75.95 27.80
C TYR C 16 -39.60 74.41 27.75
N HIS C 17 -40.79 73.83 27.85
CA HIS C 17 -40.93 72.38 27.79
C HIS C 17 -40.76 71.83 26.37
N ILE C 18 -41.07 72.66 25.38
CA ILE C 18 -40.83 72.29 24.01
C ILE C 18 -39.32 72.23 23.79
N GLU C 19 -38.64 73.27 24.26
CA GLU C 19 -37.19 73.36 24.11
C GLU C 19 -36.50 72.23 24.86
N ASN C 20 -37.01 71.86 26.03
CA ASN C 20 -36.51 70.69 26.77
C ASN C 20 -36.58 69.38 25.98
N GLU C 21 -37.72 69.14 25.35
CA GLU C 21 -37.96 67.94 24.57
C GLU C 21 -37.07 67.85 23.34
N ILE C 22 -36.86 68.97 22.67
CA ILE C 22 -35.97 69.01 21.52
C ILE C 22 -34.53 68.62 21.89
N ALA C 23 -34.10 69.08 23.07
CA ALA C 23 -32.82 68.71 23.62
C ALA C 23 -32.77 67.23 23.86
N ARG C 24 -33.78 66.68 24.54
CA ARG C 24 -33.77 65.24 24.81
C ARG C 24 -33.65 64.42 23.52
N ILE C 25 -34.55 64.65 22.57
CA ILE C 25 -34.47 64.02 21.25
C ILE C 25 -33.07 64.08 20.60
N LYS C 26 -32.49 65.26 20.53
CA LYS C 26 -31.16 65.42 19.95
C LYS C 26 -30.11 64.55 20.64
N LYS C 27 -30.33 64.31 21.93
CA LYS C 27 -29.43 63.52 22.77
C LYS C 27 -29.71 62.00 22.65
N LEU C 28 -30.97 61.65 22.44
CA LEU C 28 -31.32 60.28 22.17
C LEU C 28 -30.74 59.86 20.82
N ILE C 29 -30.88 60.74 19.84
CA ILE C 29 -30.45 60.40 18.50
C ILE C 29 -28.94 60.17 18.45
N ASP C 30 -28.16 61.14 18.90
CA ASP C 30 -26.71 60.98 18.89
C ASP C 30 -26.24 59.66 19.51
N SER C 31 -26.75 59.28 20.69
CA SER C 31 -26.29 58.04 21.32
C SER C 31 -26.79 56.77 20.63
N ALA C 32 -28.03 56.79 20.18
CA ALA C 32 -28.57 55.63 19.50
C ALA C 32 -27.82 55.32 18.19
N ILE C 33 -27.51 56.35 17.42
CA ILE C 33 -26.80 56.21 16.14
C ILE C 33 -25.31 55.93 16.25
N ASN C 34 -24.62 56.65 17.13
CA ASN C 34 -23.25 56.33 17.50
C ASN C 34 -23.09 54.89 17.90
N ASN C 35 -24.01 54.40 18.72
CA ASN C 35 -24.01 53.00 19.11
C ASN C 35 -24.17 52.04 17.92
N VAL C 36 -25.16 52.29 17.07
CA VAL C 36 -25.37 51.38 15.95
C VAL C 36 -24.22 51.47 14.96
N ASN C 37 -23.63 52.66 14.84
CA ASN C 37 -22.52 52.82 13.91
C ASN C 37 -21.26 52.11 14.35
N ASN C 38 -21.09 51.94 15.65
CA ASN C 38 -19.92 51.24 16.16
C ASN C 38 -20.03 49.74 15.92
N ASN C 39 -21.14 49.14 16.35
CA ASN C 39 -21.41 47.72 16.10
C ASN C 39 -21.27 47.33 14.62
N VAL C 40 -21.66 48.24 13.73
CA VAL C 40 -21.52 48.05 12.28
C VAL C 40 -20.06 48.14 11.79
N ASN C 41 -19.32 49.12 12.33
CA ASN C 41 -17.88 49.24 12.13
C ASN C 41 -17.13 47.99 12.51
N GLU C 42 -17.33 47.53 13.74
CA GLU C 42 -16.67 46.31 14.21
C GLU C 42 -17.04 45.16 13.31
N LEU C 43 -18.33 45.07 13.01
CA LEU C 43 -18.82 44.03 12.13
C LEU C 43 -18.11 44.09 10.78
N ALA C 44 -18.03 45.28 10.18
CA ALA C 44 -17.38 45.44 8.87
C ALA C 44 -15.89 45.04 8.80
N ASN C 45 -15.12 45.34 9.84
CA ASN C 45 -13.72 45.00 9.82
C ASN C 45 -13.47 43.52 10.01
N ASN C 46 -14.29 42.89 10.86
CA ASN C 46 -14.05 41.51 11.29
C ASN C 46 -14.70 40.42 10.46
N ALA C 47 -15.71 40.77 9.69
CA ALA C 47 -16.43 39.77 8.89
C ALA C 47 -15.64 39.20 7.71
N VAL C 48 -15.81 37.90 7.50
CA VAL C 48 -15.28 37.23 6.32
C VAL C 48 -16.18 37.52 5.12
N LYS C 49 -15.59 37.85 3.98
CA LYS C 49 -16.36 38.34 2.87
C LYS C 49 -16.13 37.58 1.57
N TYR C 50 -17.06 37.75 0.63
CA TYR C 50 -16.90 37.25 -0.73
C TYR C 50 -16.13 38.33 -1.52
N ASP C 51 -15.29 37.92 -2.46
CA ASP C 51 -14.47 38.87 -3.18
C ASP C 51 -15.34 39.78 -4.05
N ASP C 52 -16.35 39.21 -4.70
CA ASP C 52 -17.29 40.03 -5.45
C ASP C 52 -18.71 39.51 -5.42
N ALA C 53 -19.58 40.14 -6.20
CA ALA C 53 -21.00 39.83 -6.15
C ALA C 53 -21.37 38.48 -6.80
N SER C 54 -20.41 37.82 -7.41
CA SER C 54 -20.64 36.48 -7.94
C SER C 54 -20.65 35.44 -6.84
N LYS C 55 -20.11 35.79 -5.67
CA LYS C 55 -19.93 34.85 -4.55
C LYS C 55 -19.18 33.56 -4.94
N ASP C 56 -18.46 33.60 -6.06
CA ASP C 56 -17.71 32.44 -6.48
C ASP C 56 -16.36 32.31 -5.77
N LYS C 57 -15.98 33.32 -4.99
CA LYS C 57 -14.71 33.24 -4.28
C LYS C 57 -14.58 33.96 -2.92
N ILE C 58 -13.89 33.29 -2.00
CA ILE C 58 -13.47 33.89 -0.76
C ILE C 58 -11.95 33.89 -0.69
N THR C 59 -11.36 35.07 -0.82
CA THR C 59 -9.91 35.20 -0.59
C THR C 59 -9.66 35.67 0.83
N LEU C 60 -9.38 34.72 1.71
CA LEU C 60 -9.15 35.01 3.13
C LEU C 60 -8.15 36.16 3.31
N GLY C 61 -8.49 37.04 4.25
CA GLY C 61 -7.75 38.28 4.46
C GLY C 61 -6.48 38.25 5.29
N GLY C 62 -5.87 37.09 5.46
CA GLY C 62 -4.71 36.99 6.32
C GLY C 62 -3.34 37.36 5.75
N GLY C 63 -3.32 38.03 4.60
CA GLY C 63 -2.06 38.37 3.99
C GLY C 63 -1.30 37.18 3.44
N ALA C 64 -0.04 37.38 3.09
CA ALA C 64 0.69 36.39 2.33
C ALA C 64 0.87 35.09 3.11
N THR C 65 0.77 35.17 4.44
CA THR C 65 0.87 33.96 5.25
C THR C 65 -0.40 33.09 5.16
N GLY C 66 -1.53 33.71 4.84
CA GLY C 66 -2.80 32.99 4.74
C GLY C 66 -3.59 32.90 6.05
N THR C 67 -4.82 32.42 5.97
CA THR C 67 -5.65 32.30 7.15
C THR C 67 -5.90 30.83 7.47
N THR C 68 -6.01 30.51 8.76
CA THR C 68 -6.31 29.16 9.21
C THR C 68 -7.79 29.03 9.53
N ILE C 69 -8.47 28.07 8.94
CA ILE C 69 -9.85 27.89 9.32
C ILE C 69 -9.93 26.66 10.19
N THR C 70 -10.59 26.79 11.34
CA THR C 70 -10.65 25.68 12.25
C THR C 70 -11.98 25.54 12.97
N ASN C 71 -12.08 24.47 13.76
CA ASN C 71 -13.34 23.95 14.25
C ASN C 71 -14.23 23.57 13.06
N VAL C 72 -13.58 23.01 12.04
CA VAL C 72 -14.27 22.49 10.87
C VAL C 72 -14.77 21.08 11.17
N LYS C 73 -16.03 20.83 10.85
CA LYS C 73 -16.61 19.52 11.07
C LYS C 73 -16.24 18.62 9.91
N ASP C 74 -15.99 17.36 10.21
CA ASP C 74 -15.80 16.29 9.24
C ASP C 74 -16.76 16.40 8.05
N GLY C 75 -16.25 16.82 6.90
CA GLY C 75 -17.06 16.83 5.71
C GLY C 75 -17.37 15.40 5.29
N THR C 76 -18.53 15.19 4.68
CA THR C 76 -18.87 13.88 4.15
C THR C 76 -17.84 13.51 3.10
N VAL C 77 -17.11 12.44 3.35
CA VAL C 77 -16.14 11.93 2.38
C VAL C 77 -16.88 10.97 1.45
N ALA C 78 -17.41 11.52 0.36
CA ALA C 78 -18.18 10.75 -0.61
C ALA C 78 -17.88 11.28 -1.99
N GLN C 79 -18.12 10.49 -3.03
CA GLN C 79 -17.90 10.94 -4.40
C GLN C 79 -18.63 12.25 -4.64
N GLY C 80 -17.95 13.18 -5.30
CA GLY C 80 -18.54 14.47 -5.62
C GLY C 80 -19.03 15.28 -4.44
N SER C 81 -18.48 15.03 -3.25
CA SER C 81 -18.89 15.79 -2.07
C SER C 81 -18.40 17.23 -2.13
N LYS C 82 -19.18 18.17 -1.60
CA LYS C 82 -18.71 19.56 -1.59
C LYS C 82 -18.54 20.14 -0.19
N ASP C 83 -18.40 19.25 0.81
CA ASP C 83 -18.07 19.67 2.16
C ASP C 83 -16.57 19.81 2.26
N ALA C 84 -16.10 20.83 2.97
CA ALA C 84 -14.66 20.99 3.16
C ALA C 84 -14.19 19.85 4.03
N VAL C 85 -12.91 19.52 3.92
CA VAL C 85 -12.34 18.47 4.74
C VAL C 85 -11.18 19.00 5.57
N ASN C 86 -11.09 18.52 6.80
CA ASN C 86 -10.14 19.02 7.78
C ASN C 86 -8.88 18.15 7.93
N GLY C 87 -8.02 18.52 8.87
CA GLY C 87 -6.74 17.84 9.03
C GLY C 87 -6.86 16.46 9.67
N GLY C 88 -7.93 16.24 10.41
CA GLY C 88 -8.18 14.93 10.97
C GLY C 88 -8.29 13.96 9.81
N GLN C 89 -9.15 14.28 8.87
CA GLN C 89 -9.46 13.43 7.73
C GLN C 89 -8.27 13.18 6.80
N LEU C 90 -7.39 14.17 6.65
CA LEU C 90 -6.21 13.99 5.82
C LEU C 90 -5.19 13.11 6.55
N TRP C 91 -5.19 13.20 7.88
CA TRP C 91 -4.24 12.46 8.69
C TRP C 91 -4.50 10.95 8.56
N ASN C 92 -5.78 10.58 8.52
CA ASN C 92 -6.16 9.18 8.39
C ASN C 92 -5.64 8.55 7.10
N VAL C 93 -5.84 9.27 5.98
CA VAL C 93 -5.30 8.86 4.70
C VAL C 93 -3.78 8.74 4.75
N GLN C 94 -3.14 9.76 5.33
CA GLN C 94 -1.69 9.79 5.39
C GLN C 94 -1.10 8.57 6.10
N GLN C 95 -1.74 8.12 7.17
CA GLN C 95 -1.27 6.94 7.88
C GLN C 95 -1.33 5.74 6.95
N GLN C 96 -2.50 5.55 6.36
CA GLN C 96 -2.69 4.50 5.36
C GLN C 96 -1.60 4.56 4.27
N VAL C 97 -1.32 5.75 3.75
CA VAL C 97 -0.28 5.88 2.76
C VAL C 97 1.09 5.46 3.33
N ASP C 98 1.41 5.90 4.54
CA ASP C 98 2.63 5.46 5.21
C ASP C 98 2.61 3.96 5.46
N GLN C 99 1.44 3.42 5.79
CA GLN C 99 1.23 1.97 5.90
C GLN C 99 1.58 1.23 4.61
N ASN C 100 0.99 1.67 3.49
CA ASN C 100 1.28 1.06 2.19
C ASN C 100 2.73 1.29 1.74
N THR C 101 3.24 2.49 1.97
CA THR C 101 4.61 2.84 1.63
C THR C 101 5.61 1.93 2.36
N THR C 102 5.36 1.68 3.64
CA THR C 102 6.27 0.89 4.46
C THR C 102 6.03 -0.62 4.20
N ASP C 103 4.81 -0.96 3.80
CA ASP C 103 4.57 -2.31 3.30
C ASP C 103 5.46 -2.56 2.07
N ILE C 104 5.36 -1.69 1.07
CA ILE C 104 6.14 -1.83 -0.17
C ILE C 104 7.63 -2.04 0.06
N SER C 105 8.26 -1.12 0.77
CA SER C 105 9.69 -1.14 1.06
C SER C 105 10.17 -2.49 1.60
N ASN C 106 9.37 -3.07 2.47
CA ASN C 106 9.74 -4.29 3.18
C ASN C 106 9.58 -5.54 2.34
N ILE C 107 8.55 -5.55 1.52
CA ILE C 107 8.35 -6.58 0.51
C ILE C 107 9.54 -6.69 -0.44
N LYS C 108 10.11 -5.54 -0.82
CA LYS C 108 11.26 -5.54 -1.73
C LYS C 108 12.51 -6.06 -1.03
N ASN C 109 12.68 -5.59 0.19
CA ASN C 109 13.86 -5.90 1.00
C ASN C 109 13.92 -7.39 1.33
N ASP C 110 12.76 -7.94 1.68
CA ASP C 110 12.69 -9.33 2.09
C ASP C 110 12.84 -10.31 0.92
N ILE C 111 12.18 -10.02 -0.20
CA ILE C 111 12.39 -10.79 -1.44
C ILE C 111 13.88 -10.82 -1.78
N ASN C 112 14.52 -9.66 -1.67
CA ASN C 112 15.98 -9.57 -1.71
C ASN C 112 16.62 -10.46 -0.64
N ASN C 113 16.19 -10.27 0.61
CA ASN C 113 16.80 -10.97 1.75
C ASN C 113 16.48 -12.45 1.82
N GLY C 114 15.54 -12.89 0.98
CA GLY C 114 15.17 -14.28 0.93
C GLY C 114 14.52 -14.76 2.22
N THR C 115 13.67 -13.91 2.80
CA THR C 115 13.00 -14.23 4.07
C THR C 115 11.47 -14.27 3.96
N VAL C 116 10.95 -14.31 2.73
CA VAL C 116 9.51 -14.51 2.49
C VAL C 116 9.31 -15.33 1.22
N GLY C 117 8.22 -16.10 1.16
CA GLY C 117 7.95 -16.94 0.00
C GLY C 117 8.27 -18.41 0.19
N LEU C 118 8.26 -19.19 -0.89
CA LEU C 118 8.39 -20.65 -0.79
C LEU C 118 9.84 -21.07 -0.68
N VAL C 119 10.71 -20.38 -1.40
CA VAL C 119 12.12 -20.68 -1.29
C VAL C 119 12.75 -19.59 -0.45
N GLN C 120 13.52 -19.98 0.56
CA GLN C 120 14.09 -18.98 1.44
C GLN C 120 15.53 -19.31 1.80
N GLN C 121 16.21 -18.35 2.38
CA GLN C 121 17.51 -18.58 2.95
C GLN C 121 17.79 -17.43 3.90
N ALA C 122 17.75 -17.75 5.19
CA ALA C 122 18.02 -16.80 6.26
C ALA C 122 19.17 -15.83 5.96
N GLY C 123 20.38 -16.35 5.83
CA GLY C 123 21.54 -15.50 5.60
C GLY C 123 22.52 -15.94 4.53
N LYS C 124 23.69 -15.30 4.52
CA LYS C 124 24.69 -15.46 3.47
C LYS C 124 25.17 -16.89 3.25
N ASP C 125 25.41 -17.62 4.33
CA ASP C 125 25.84 -19.02 4.22
C ASP C 125 24.80 -19.97 4.78
N ALA C 126 23.61 -19.44 5.05
CA ALA C 126 22.50 -20.28 5.46
C ALA C 126 22.13 -21.24 4.34
N PRO C 127 21.51 -22.37 4.67
CA PRO C 127 20.98 -23.30 3.68
C PRO C 127 19.77 -22.75 2.93
N VAL C 128 19.68 -23.11 1.66
CA VAL C 128 18.48 -22.83 0.88
C VAL C 128 17.42 -23.88 1.18
N THR C 129 16.20 -23.43 1.34
CA THR C 129 15.10 -24.33 1.62
C THR C 129 14.04 -24.09 0.58
N VAL C 130 13.32 -25.14 0.23
CA VAL C 130 12.28 -25.07 -0.81
C VAL C 130 10.96 -25.59 -0.27
N ALA C 131 9.98 -24.69 -0.12
CA ALA C 131 8.64 -25.07 0.35
C ALA C 131 8.60 -25.73 1.74
N LYS C 132 9.46 -25.28 2.65
CA LYS C 132 9.68 -25.91 3.95
C LYS C 132 8.51 -25.97 4.95
N ASP C 133 7.59 -25.01 4.89
CA ASP C 133 6.47 -24.96 5.83
C ASP C 133 5.20 -25.56 5.22
N THR C 134 5.35 -26.24 4.09
CA THR C 134 4.19 -26.78 3.40
C THR C 134 4.39 -28.24 3.04
N GLY C 135 3.34 -28.90 2.57
CA GLY C 135 3.38 -30.32 2.27
C GLY C 135 3.61 -30.64 0.81
N GLY C 136 2.96 -31.70 0.32
CA GLY C 136 3.24 -32.26 -0.99
C GLY C 136 4.42 -33.21 -0.85
N THR C 137 4.72 -33.96 -1.91
CA THR C 137 5.88 -34.88 -1.89
C THR C 137 6.65 -34.87 -3.21
N THR C 138 6.56 -33.75 -3.95
CA THR C 138 7.07 -33.63 -5.30
C THR C 138 7.62 -32.24 -5.64
N VAL C 139 8.84 -32.21 -6.19
CA VAL C 139 9.37 -30.99 -6.82
C VAL C 139 9.61 -31.23 -8.31
N ASN C 140 9.03 -30.38 -9.15
CA ASN C 140 9.09 -30.54 -10.60
C ASN C 140 9.71 -29.35 -11.33
N VAL C 141 10.80 -29.61 -12.05
CA VAL C 141 11.55 -28.57 -12.73
C VAL C 141 11.32 -28.56 -14.24
N ALA C 142 10.27 -29.24 -14.69
CA ALA C 142 9.96 -29.25 -16.11
C ALA C 142 9.34 -27.93 -16.55
N GLY C 143 9.82 -27.40 -17.67
CA GLY C 143 9.28 -26.17 -18.23
C GLY C 143 8.58 -26.38 -19.55
N THR C 144 8.36 -25.31 -20.30
CA THR C 144 7.70 -25.44 -21.61
C THR C 144 8.63 -26.09 -22.64
N ASP C 145 9.92 -26.13 -22.32
CA ASP C 145 10.90 -26.82 -23.15
C ASP C 145 11.05 -28.28 -22.70
N GLY C 146 10.17 -28.73 -21.82
CA GLY C 146 10.24 -30.07 -21.26
C GLY C 146 11.13 -30.15 -20.02
N ASN C 147 11.60 -31.37 -19.73
CA ASN C 147 12.45 -31.60 -18.58
C ASN C 147 13.73 -30.76 -18.61
N ARG C 148 14.13 -30.23 -17.45
CA ARG C 148 15.38 -29.50 -17.35
C ARG C 148 16.46 -30.35 -16.70
N VAL C 149 17.70 -30.15 -17.12
CA VAL C 149 18.83 -30.74 -16.42
C VAL C 149 19.03 -29.91 -15.17
N VAL C 150 19.03 -30.57 -14.01
CA VAL C 150 19.39 -29.92 -12.74
C VAL C 150 20.88 -30.06 -12.48
N THR C 151 21.58 -28.94 -12.31
CA THR C 151 23.03 -28.98 -12.15
C THR C 151 23.57 -28.03 -11.08
N GLY C 152 24.89 -27.99 -10.92
CA GLY C 152 25.50 -27.24 -9.84
C GLY C 152 25.47 -28.06 -8.56
N VAL C 153 25.12 -29.34 -8.70
CA VAL C 153 24.90 -30.22 -7.56
C VAL C 153 26.18 -30.79 -6.99
N LYS C 154 26.41 -30.58 -5.69
CA LYS C 154 27.56 -31.15 -5.02
C LYS C 154 27.29 -32.63 -4.76
N GLU C 155 28.38 -33.41 -4.73
CA GLU C 155 28.29 -34.84 -4.49
C GLU C 155 27.59 -35.15 -3.16
N GLY C 156 26.53 -35.95 -3.23
CA GLY C 156 25.75 -36.29 -2.05
C GLY C 156 26.24 -37.55 -1.34
N ALA C 157 26.14 -37.54 -0.01
CA ALA C 157 26.59 -38.68 0.80
C ALA C 157 25.99 -40.00 0.36
N VAL C 158 26.81 -41.04 0.32
CA VAL C 158 26.31 -42.34 -0.11
C VAL C 158 26.36 -43.32 1.04
N ASN C 159 25.17 -43.74 1.48
CA ASN C 159 24.96 -44.61 2.62
C ASN C 159 23.45 -44.80 2.76
N ALA C 160 23.03 -45.58 3.75
CA ALA C 160 21.66 -46.11 3.79
C ALA C 160 20.52 -45.13 4.04
N THR C 161 20.77 -43.95 4.60
CA THR C 161 19.70 -43.00 4.90
C THR C 161 19.93 -41.66 4.20
N SER C 162 20.89 -41.63 3.28
CA SER C 162 21.22 -40.38 2.61
C SER C 162 20.07 -39.92 1.75
N LYS C 163 19.64 -38.68 1.97
CA LYS C 163 18.60 -38.08 1.13
C LYS C 163 19.20 -37.02 0.20
N ASP C 164 20.50 -37.13 -0.07
CA ASP C 164 21.15 -36.21 -0.97
C ASP C 164 21.05 -36.76 -2.39
N ALA C 165 20.83 -35.89 -3.36
CA ALA C 165 20.85 -36.30 -4.76
C ALA C 165 22.26 -36.70 -5.17
N VAL C 166 22.35 -37.54 -6.20
CA VAL C 166 23.60 -38.06 -6.75
C VAL C 166 24.00 -37.29 -8.02
N ASN C 167 25.26 -36.86 -8.11
CA ASN C 167 25.70 -36.16 -9.31
C ASN C 167 26.36 -37.06 -10.34
N GLY C 168 26.93 -36.45 -11.38
CA GLY C 168 27.48 -37.19 -12.51
C GLY C 168 28.86 -37.74 -12.25
N SER C 169 29.60 -37.09 -11.36
CA SER C 169 30.92 -37.55 -10.95
C SER C 169 30.81 -38.90 -10.26
N GLN C 170 29.65 -39.13 -9.64
CA GLN C 170 29.41 -40.32 -8.84
C GLN C 170 28.96 -41.46 -9.72
N MET C 171 27.93 -41.22 -10.53
CA MET C 171 27.41 -42.21 -11.46
C MET C 171 28.55 -42.78 -12.30
N LYS C 172 29.46 -41.89 -12.71
CA LYS C 172 30.63 -42.26 -13.49
C LYS C 172 31.49 -43.29 -12.76
N GLN C 173 31.69 -43.05 -11.48
CA GLN C 173 32.49 -43.92 -10.63
C GLN C 173 31.92 -45.32 -10.60
N ILE C 174 30.63 -45.41 -10.29
CA ILE C 174 29.90 -46.67 -10.34
C ILE C 174 30.14 -47.43 -11.66
N GLU C 175 30.09 -46.71 -12.76
CA GLU C 175 30.35 -47.28 -14.07
C GLU C 175 31.79 -47.77 -14.22
N ASP C 176 32.71 -47.06 -13.58
CA ASP C 176 34.11 -47.44 -13.62
C ASP C 176 34.38 -48.68 -12.77
N LYS C 177 33.42 -49.02 -11.92
CA LYS C 177 33.49 -50.29 -11.19
C LYS C 177 32.92 -51.43 -12.03
N ILE C 178 31.86 -51.16 -12.78
CA ILE C 178 31.31 -52.16 -13.69
C ILE C 178 32.31 -52.57 -14.78
N GLU C 179 33.11 -51.63 -15.25
CA GLU C 179 34.10 -51.94 -16.27
C GLU C 179 35.33 -52.61 -15.66
N GLU C 180 35.42 -52.60 -14.32
CA GLU C 180 36.46 -53.37 -13.64
C GLU C 180 35.98 -54.79 -13.37
N ILE C 181 34.66 -54.96 -13.27
CA ILE C 181 34.07 -56.27 -13.10
C ILE C 181 34.05 -57.03 -14.44
N LEU C 182 33.67 -56.33 -15.50
CA LEU C 182 33.65 -56.94 -16.83
C LEU C 182 35.05 -57.41 -17.23
N SER C 183 36.06 -56.67 -16.80
CA SER C 183 37.43 -57.09 -17.00
C SER C 183 37.68 -58.40 -16.29
N LYS C 184 37.26 -58.47 -15.02
CA LYS C 184 37.43 -59.65 -14.18
C LYS C 184 36.84 -60.87 -14.86
N ILE C 185 35.60 -60.75 -15.34
CA ILE C 185 34.89 -61.85 -15.99
C ILE C 185 35.59 -62.29 -17.29
N TYR C 186 36.14 -61.32 -18.01
CA TYR C 186 36.84 -61.60 -19.26
C TYR C 186 38.05 -62.51 -19.01
N HIS C 187 38.83 -62.15 -18.00
CA HIS C 187 39.94 -62.95 -17.52
C HIS C 187 39.45 -64.39 -17.28
N ILE C 188 38.46 -64.56 -16.40
CA ILE C 188 38.06 -65.92 -16.00
C ILE C 188 37.38 -66.72 -17.12
N GLU C 189 36.77 -66.02 -18.07
CA GLU C 189 36.25 -66.67 -19.27
C GLU C 189 37.39 -67.31 -20.05
N ASN C 190 38.51 -66.61 -20.13
CA ASN C 190 39.68 -67.13 -20.82
C ASN C 190 40.38 -68.24 -20.06
N GLU C 191 40.44 -68.09 -18.73
CA GLU C 191 41.01 -69.11 -17.88
C GLU C 191 40.20 -70.38 -18.06
N ILE C 192 38.89 -70.23 -18.01
CA ILE C 192 38.03 -71.40 -18.14
C ILE C 192 38.22 -72.10 -19.49
N ALA C 193 38.32 -71.32 -20.56
CA ALA C 193 38.56 -71.88 -21.88
C ALA C 193 39.91 -72.59 -21.91
N ARG C 194 40.88 -72.04 -21.21
CA ARG C 194 42.21 -72.62 -21.21
C ARG C 194 42.23 -73.89 -20.35
N ILE C 195 41.42 -73.89 -19.29
CA ILE C 195 41.24 -75.08 -18.46
C ILE C 195 40.61 -76.23 -19.26
N LYS C 196 39.59 -75.92 -20.06
CA LYS C 196 38.95 -76.91 -20.93
C LYS C 196 39.90 -77.58 -21.92
N LYS C 197 40.93 -76.86 -22.38
CA LYS C 197 41.92 -77.41 -23.30
C LYS C 197 42.87 -78.35 -22.55
N LEU C 198 43.33 -77.89 -21.39
CA LEU C 198 44.23 -78.65 -20.53
C LEU C 198 43.69 -80.03 -20.19
N ILE C 199 42.37 -80.09 -20.05
CA ILE C 199 41.71 -81.29 -19.57
C ILE C 199 41.39 -82.26 -20.70
N LYS C 200 41.29 -81.73 -21.92
CA LYS C 200 41.07 -82.56 -23.11
C LYS C 200 42.38 -83.15 -23.61
N LEU C 201 43.48 -82.80 -22.96
CA LEU C 201 44.81 -83.13 -23.47
C LEU C 201 45.70 -83.92 -22.50
N HIS C 202 45.56 -83.66 -21.20
CA HIS C 202 46.38 -84.32 -20.17
C HIS C 202 46.25 -85.85 -20.21
N HIS C 203 47.28 -86.57 -19.79
CA HIS C 203 47.16 -88.02 -19.62
C HIS C 203 47.66 -88.55 -18.26
N HIS C 204 48.90 -88.20 -17.91
CA HIS C 204 49.55 -88.68 -16.68
C HIS C 204 49.35 -90.18 -16.42
#